data_1C4X
#
_entry.id   1C4X
#
_cell.length_a   110.800
_cell.length_b   110.800
_cell.length_c   136.400
_cell.angle_alpha   90.00
_cell.angle_beta   90.00
_cell.angle_gamma   90.00
#
_symmetry.space_group_name_H-M   'I 4 2 2'
#
loop_
_entity.id
_entity.type
_entity.pdbx_description
1 polymer 'PROTEIN (2-HYDROXY-6-OXO-6-PHENYLHEXA-2,4-DIENOATE HYDROLASE)'
2 water water
#
_entity_poly.entity_id   1
_entity_poly.type   'polypeptide(L)'
_entity_poly.pdbx_seq_one_letter_code
;MAKTVEIIEKRFPSGTLASHALVAGDPQSPAVVLLHGAGPGAHAASNWRPIIPDLAENFFVVAPDLIGFGQSEYPETYPG
HIMSWVGMRVEQILGLMNHFGIEKSHIVGNSMGGAVTLQLVVEAPERFDKVALMGSVGAPMNARPPELARLLAFYADPRL
TPYRELIHSFVYDPENFPGMEEIVKSRFEVANDPEVRRIQEVMFESMKAGMESLVIPPATLGRLPHDVLVFHGRQDRIVP
LDTSLYLTKHLKHAELVVLDRCGHWAQLERWDAMGPMLMEHFRAA
;
_entity_poly.pdbx_strand_id   A
#
# COMPACT_ATOMS: atom_id res chain seq x y z
N THR A 4 7.90 -1.11 -24.59
CA THR A 4 7.88 -2.43 -23.89
C THR A 4 8.91 -2.49 -22.77
N VAL A 5 8.46 -2.90 -21.58
CA VAL A 5 9.35 -3.01 -20.43
C VAL A 5 9.29 -4.45 -19.90
N GLU A 6 10.32 -4.83 -19.14
CA GLU A 6 10.38 -6.17 -18.55
C GLU A 6 10.41 -6.02 -17.03
N ILE A 7 9.55 -6.77 -16.36
CA ILE A 7 9.47 -6.71 -14.91
C ILE A 7 10.17 -7.90 -14.25
N ILE A 8 11.26 -7.63 -13.56
CA ILE A 8 11.99 -8.68 -12.84
C ILE A 8 11.26 -8.91 -11.53
N GLU A 9 11.03 -10.17 -11.20
CA GLU A 9 10.31 -10.52 -9.98
C GLU A 9 11.04 -11.64 -9.24
N LYS A 10 11.84 -11.27 -8.24
CA LYS A 10 12.61 -12.23 -7.44
C LYS A 10 12.81 -11.80 -5.98
N ARG A 11 13.48 -12.64 -5.20
CA ARG A 11 13.76 -12.32 -3.80
C ARG A 11 15.01 -11.47 -3.76
N PHE A 12 15.06 -10.51 -2.85
CA PHE A 12 16.23 -9.63 -2.73
C PHE A 12 16.60 -9.50 -1.27
N PRO A 13 17.89 -9.30 -0.98
CA PRO A 13 18.31 -9.15 0.42
C PRO A 13 17.94 -7.76 0.92
N SER A 14 16.96 -7.68 1.81
CA SER A 14 16.54 -6.40 2.35
C SER A 14 16.74 -6.49 3.86
N GLY A 15 17.95 -6.80 4.27
CA GLY A 15 18.24 -6.91 5.69
C GLY A 15 17.86 -8.25 6.29
N THR A 16 17.41 -8.21 7.55
CA THR A 16 17.00 -9.42 8.27
C THR A 16 16.08 -10.35 7.50
N LEU A 17 14.95 -9.81 7.04
CA LEU A 17 14.01 -10.61 6.29
C LEU A 17 14.18 -10.20 4.84
N ALA A 18 14.20 -11.18 3.95
CA ALA A 18 14.36 -10.92 2.53
C ALA A 18 13.00 -10.61 1.94
N SER A 19 12.99 -9.86 0.85
CA SER A 19 11.72 -9.50 0.25
C SER A 19 11.56 -9.87 -1.21
N HIS A 20 10.39 -10.41 -1.52
CA HIS A 20 10.05 -10.75 -2.88
C HIS A 20 9.64 -9.40 -3.44
N ALA A 21 10.10 -9.04 -4.64
CA ALA A 21 9.74 -7.75 -5.17
C ALA A 21 9.73 -7.70 -6.68
N LEU A 22 8.87 -6.83 -7.22
CA LEU A 22 8.77 -6.62 -8.66
C LEU A 22 9.66 -5.41 -8.91
N VAL A 23 10.62 -5.56 -9.81
CA VAL A 23 11.53 -4.47 -10.14
C VAL A 23 11.45 -4.25 -11.65
N ALA A 24 11.60 -2.98 -12.07
CA ALA A 24 11.54 -2.65 -13.49
C ALA A 24 12.05 -1.24 -13.72
N GLY A 25 12.47 -0.97 -14.95
CA GLY A 25 12.99 0.33 -15.31
C GLY A 25 14.52 0.35 -15.31
N ASP A 26 15.10 1.47 -15.71
CA ASP A 26 16.55 1.60 -15.74
C ASP A 26 17.03 2.12 -14.40
N PRO A 27 17.89 1.35 -13.73
CA PRO A 27 18.43 1.72 -12.41
C PRO A 27 19.10 3.09 -12.38
N GLN A 28 19.27 3.71 -13.53
CA GLN A 28 19.89 5.03 -13.61
C GLN A 28 18.87 6.13 -13.36
N SER A 29 17.60 5.82 -13.62
CA SER A 29 16.52 6.79 -13.42
C SER A 29 16.15 6.88 -11.95
N PRO A 30 15.52 7.99 -11.55
CA PRO A 30 15.11 8.17 -10.15
C PRO A 30 14.29 6.97 -9.69
N ALA A 31 14.36 6.67 -8.41
CA ALA A 31 13.66 5.51 -7.90
C ALA A 31 12.29 5.85 -7.36
N VAL A 32 11.41 4.85 -7.36
CA VAL A 32 10.08 4.97 -6.81
C VAL A 32 9.73 3.66 -6.14
N VAL A 33 9.39 3.72 -4.87
CA VAL A 33 9.02 2.54 -4.13
C VAL A 33 7.48 2.52 -4.01
N LEU A 34 6.87 1.38 -4.30
CA LEU A 34 5.42 1.23 -4.22
C LEU A 34 5.01 0.31 -3.07
N LEU A 35 4.19 0.79 -2.14
CA LEU A 35 3.75 -0.04 -1.02
C LEU A 35 2.26 -0.37 -1.06
N HIS A 36 1.94 -1.63 -1.35
CA HIS A 36 0.55 -2.08 -1.44
C HIS A 36 -0.21 -1.99 -0.12
N GLY A 37 -1.52 -2.18 -0.19
CA GLY A 37 -2.35 -2.14 1.01
C GLY A 37 -2.46 -3.51 1.64
N ALA A 38 -3.27 -3.64 2.69
CA ALA A 38 -3.41 -4.93 3.34
C ALA A 38 -4.63 -5.69 2.80
N GLY A 39 -5.09 -6.70 3.53
CA GLY A 39 -6.23 -7.48 3.08
C GLY A 39 -5.82 -8.91 2.72
N PRO A 40 -6.76 -9.88 2.77
CA PRO A 40 -6.47 -11.28 2.44
C PRO A 40 -6.01 -11.48 1.00
N GLY A 41 -4.81 -12.03 0.84
CA GLY A 41 -4.25 -12.26 -0.48
C GLY A 41 -3.58 -11.02 -1.07
N ALA A 42 -3.46 -9.97 -0.27
CA ALA A 42 -2.83 -8.75 -0.75
C ALA A 42 -1.36 -8.98 -1.01
N HIS A 43 -0.86 -8.43 -2.12
CA HIS A 43 0.55 -8.55 -2.43
C HIS A 43 0.88 -7.58 -3.53
N ALA A 44 2.13 -7.13 -3.55
CA ALA A 44 2.59 -6.14 -4.53
C ALA A 44 1.98 -6.26 -5.91
N ALA A 45 2.19 -7.38 -6.58
CA ALA A 45 1.70 -7.63 -7.95
C ALA A 45 0.24 -7.22 -8.22
N SER A 46 -0.65 -7.55 -7.30
CA SER A 46 -2.07 -7.23 -7.43
C SER A 46 -2.35 -5.72 -7.37
N ASN A 47 -1.58 -5.01 -6.56
CA ASN A 47 -1.76 -3.59 -6.40
C ASN A 47 -1.09 -2.76 -7.49
N TRP A 48 0.03 -3.21 -8.02
CA TRP A 48 0.77 -2.39 -8.97
C TRP A 48 1.15 -2.90 -10.36
N ARG A 49 1.22 -4.22 -10.54
CA ARG A 49 1.65 -4.78 -11.83
C ARG A 49 1.19 -4.02 -13.06
N PRO A 50 -0.12 -3.78 -13.18
CA PRO A 50 -0.69 -3.08 -14.33
C PRO A 50 -0.12 -1.70 -14.67
N ILE A 51 0.31 -0.95 -13.66
CA ILE A 51 0.83 0.39 -13.91
C ILE A 51 2.36 0.51 -13.88
N ILE A 52 3.03 -0.62 -13.63
CA ILE A 52 4.49 -0.58 -13.56
C ILE A 52 5.17 -0.20 -14.88
N PRO A 53 4.73 -0.79 -16.00
CA PRO A 53 5.36 -0.45 -17.27
C PRO A 53 5.42 1.05 -17.46
N ASP A 54 4.32 1.72 -17.14
CA ASP A 54 4.27 3.16 -17.29
C ASP A 54 5.24 3.90 -16.39
N LEU A 55 5.40 3.42 -15.16
CA LEU A 55 6.33 4.09 -14.27
C LEU A 55 7.76 3.82 -14.67
N ALA A 56 8.01 2.56 -15.05
CA ALA A 56 9.32 2.10 -15.46
C ALA A 56 9.90 2.90 -16.62
N GLU A 57 9.04 3.53 -17.41
CA GLU A 57 9.49 4.32 -18.55
C GLU A 57 10.42 5.47 -18.18
N ASN A 58 10.23 6.04 -17.00
CA ASN A 58 11.06 7.16 -16.57
C ASN A 58 11.68 6.92 -15.21
N PHE A 59 11.18 5.93 -14.50
CA PHE A 59 11.69 5.69 -13.16
C PHE A 59 12.14 4.27 -12.89
N PHE A 60 13.02 4.13 -11.92
CA PHE A 60 13.46 2.83 -11.50
C PHE A 60 12.38 2.48 -10.46
N VAL A 61 11.56 1.49 -10.78
CA VAL A 61 10.44 1.08 -9.94
C VAL A 61 10.72 -0.13 -9.05
N VAL A 62 10.33 -0.02 -7.79
CA VAL A 62 10.53 -1.10 -6.82
C VAL A 62 9.27 -1.37 -6.01
N ALA A 63 8.60 -2.48 -6.31
CA ALA A 63 7.38 -2.84 -5.60
C ALA A 63 7.53 -4.15 -4.85
N PRO A 64 7.86 -4.10 -3.54
CA PRO A 64 8.04 -5.30 -2.71
C PRO A 64 6.75 -5.84 -2.08
N ASP A 65 6.79 -7.11 -1.66
CA ASP A 65 5.67 -7.74 -0.98
C ASP A 65 6.05 -7.43 0.48
N LEU A 66 5.30 -6.56 1.14
CA LEU A 66 5.64 -6.20 2.50
C LEU A 66 5.52 -7.39 3.45
N ILE A 67 6.45 -7.49 4.40
CA ILE A 67 6.45 -8.60 5.36
C ILE A 67 5.03 -8.89 5.81
N GLY A 68 4.66 -10.16 5.85
CA GLY A 68 3.34 -10.53 6.26
C GLY A 68 2.51 -10.85 5.04
N PHE A 69 2.98 -10.41 3.88
CA PHE A 69 2.27 -10.65 2.64
C PHE A 69 3.18 -11.25 1.58
N GLY A 70 2.57 -11.84 0.56
CA GLY A 70 3.28 -12.43 -0.56
C GLY A 70 4.36 -13.47 -0.30
N GLN A 71 5.36 -13.48 -1.17
CA GLN A 71 6.46 -14.43 -1.06
C GLN A 71 7.68 -13.83 -0.36
N SER A 72 7.48 -12.77 0.41
CA SER A 72 8.60 -12.20 1.13
C SER A 72 8.84 -13.07 2.35
N GLU A 73 9.98 -12.88 3.01
CA GLU A 73 10.32 -13.68 4.17
C GLU A 73 9.45 -13.40 5.38
N TYR A 74 8.98 -14.46 6.02
CA TYR A 74 8.13 -14.35 7.20
C TYR A 74 8.99 -14.40 8.47
N PRO A 75 8.57 -13.70 9.53
CA PRO A 75 9.34 -13.71 10.78
C PRO A 75 9.12 -15.04 11.51
N GLU A 76 10.04 -15.41 12.38
CA GLU A 76 9.94 -16.65 13.14
C GLU A 76 8.69 -16.62 14.01
N THR A 77 8.58 -15.58 14.83
CA THR A 77 7.42 -15.41 15.70
C THR A 77 6.50 -14.37 15.09
N TYR A 78 5.21 -14.46 15.43
CA TYR A 78 4.22 -13.55 14.89
C TYR A 78 3.71 -12.49 15.86
N PRO A 79 4.21 -11.24 15.74
CA PRO A 79 3.85 -10.09 16.58
C PRO A 79 2.36 -9.92 16.86
N GLY A 80 2.03 -9.47 18.06
CA GLY A 80 0.64 -9.29 18.41
C GLY A 80 0.18 -7.87 18.18
N HIS A 81 1.13 -6.96 18.11
CA HIS A 81 0.83 -5.55 17.91
C HIS A 81 1.10 -5.12 16.47
N ILE A 82 0.12 -4.48 15.85
CA ILE A 82 0.26 -4.02 14.48
C ILE A 82 1.55 -3.21 14.30
N MET A 83 1.94 -2.48 15.33
CA MET A 83 3.14 -1.66 15.25
C MET A 83 4.42 -2.43 15.00
N SER A 84 4.44 -3.68 15.42
CA SER A 84 5.62 -4.52 15.22
C SER A 84 5.72 -4.79 13.74
N TRP A 85 4.57 -5.09 13.14
CA TRP A 85 4.49 -5.34 11.70
C TRP A 85 4.96 -4.12 10.93
N VAL A 86 4.63 -2.94 11.44
CA VAL A 86 5.03 -1.71 10.77
C VAL A 86 6.55 -1.48 10.88
N GLY A 87 7.11 -1.71 12.06
CA GLY A 87 8.54 -1.53 12.24
C GLY A 87 9.32 -2.44 11.29
N MET A 88 8.84 -3.68 11.13
CA MET A 88 9.48 -4.65 10.24
C MET A 88 9.46 -4.18 8.80
N ARG A 89 8.31 -3.70 8.34
CA ARG A 89 8.17 -3.22 6.98
C ARG A 89 8.97 -1.93 6.77
N VAL A 90 9.15 -1.17 7.84
CA VAL A 90 9.93 0.07 7.74
C VAL A 90 11.39 -0.33 7.54
N GLU A 91 11.81 -1.36 8.27
CA GLU A 91 13.18 -1.89 8.20
C GLU A 91 13.39 -2.58 6.85
N GLN A 92 12.38 -3.33 6.41
CA GLN A 92 12.43 -4.04 5.14
C GLN A 92 12.69 -3.09 3.98
N ILE A 93 11.88 -2.03 3.88
CA ILE A 93 12.02 -1.06 2.81
C ILE A 93 13.39 -0.41 2.82
N LEU A 94 13.85 0.02 3.99
CA LEU A 94 15.15 0.67 4.08
C LEU A 94 16.26 -0.31 3.70
N GLY A 95 16.13 -1.55 4.15
CA GLY A 95 17.12 -2.57 3.83
C GLY A 95 17.12 -2.90 2.35
N LEU A 96 15.95 -2.78 1.74
CA LEU A 96 15.82 -3.06 0.32
C LEU A 96 16.45 -1.94 -0.48
N MET A 97 16.33 -0.71 0.00
CA MET A 97 16.90 0.43 -0.69
C MET A 97 18.40 0.35 -0.59
N ASN A 98 18.88 -0.06 0.58
CA ASN A 98 20.32 -0.22 0.82
C ASN A 98 20.87 -1.22 -0.17
N HIS A 99 20.23 -2.39 -0.28
CA HIS A 99 20.69 -3.39 -1.21
C HIS A 99 20.92 -2.81 -2.61
N PHE A 100 19.96 -2.03 -3.09
CA PHE A 100 20.02 -1.43 -4.44
C PHE A 100 20.87 -0.19 -4.55
N GLY A 101 21.42 0.29 -3.44
CA GLY A 101 22.25 1.48 -3.49
C GLY A 101 21.45 2.75 -3.73
N ILE A 102 20.14 2.71 -3.48
CA ILE A 102 19.28 3.89 -3.65
C ILE A 102 19.38 4.74 -2.41
N GLU A 103 19.98 5.92 -2.54
CA GLU A 103 20.12 6.81 -1.40
C GLU A 103 18.81 7.55 -1.15
N LYS A 104 18.26 8.12 -2.22
CA LYS A 104 17.01 8.86 -2.13
C LYS A 104 16.03 8.29 -3.15
N SER A 105 14.78 8.16 -2.75
CA SER A 105 13.75 7.62 -3.63
C SER A 105 12.38 8.27 -3.44
N HIS A 106 11.55 8.24 -4.49
CA HIS A 106 10.19 8.76 -4.38
C HIS A 106 9.42 7.60 -3.79
N ILE A 107 8.38 7.89 -3.02
CA ILE A 107 7.64 6.81 -2.42
C ILE A 107 6.14 7.00 -2.59
N VAL A 108 5.45 5.88 -2.80
CA VAL A 108 4.01 5.87 -3.00
C VAL A 108 3.37 4.73 -2.21
N GLY A 109 2.40 5.05 -1.35
CA GLY A 109 1.74 4.03 -0.57
C GLY A 109 0.23 4.05 -0.74
N ASN A 110 -0.38 2.88 -0.63
CA ASN A 110 -1.82 2.75 -0.78
C ASN A 110 -2.40 2.09 0.49
N SER A 111 -3.36 2.74 1.13
CA SER A 111 -4.00 2.16 2.31
C SER A 111 -2.97 1.94 3.43
N MET A 112 -2.72 0.68 3.75
CA MET A 112 -1.76 0.32 4.79
C MET A 112 -0.33 0.69 4.41
N GLY A 113 -0.04 0.63 3.11
CA GLY A 113 1.29 0.98 2.63
C GLY A 113 1.52 2.45 2.86
N GLY A 114 0.41 3.18 3.07
CA GLY A 114 0.47 4.60 3.33
C GLY A 114 0.92 4.83 4.76
N ALA A 115 0.41 3.99 5.66
CA ALA A 115 0.80 4.08 7.06
C ALA A 115 2.31 3.85 7.12
N VAL A 116 2.79 2.82 6.43
CA VAL A 116 4.23 2.51 6.40
C VAL A 116 4.97 3.65 5.72
N THR A 117 4.40 4.23 4.67
CA THR A 117 5.03 5.36 3.99
C THR A 117 5.24 6.55 4.94
N LEU A 118 4.22 6.87 5.74
CA LEU A 118 4.30 7.99 6.69
C LEU A 118 5.42 7.74 7.72
N GLN A 119 5.51 6.51 8.23
CA GLN A 119 6.53 6.14 9.21
C GLN A 119 7.93 6.27 8.62
N LEU A 120 8.09 5.78 7.40
CA LEU A 120 9.36 5.82 6.70
C LEU A 120 9.89 7.25 6.54
N VAL A 121 9.06 8.15 6.01
CA VAL A 121 9.49 9.53 5.80
C VAL A 121 9.69 10.28 7.13
N VAL A 122 9.05 9.78 8.18
CA VAL A 122 9.19 10.39 9.51
C VAL A 122 10.52 9.96 10.10
N GLU A 123 10.84 8.68 9.97
CA GLU A 123 12.08 8.13 10.50
C GLU A 123 13.31 8.48 9.66
N ALA A 124 13.18 8.33 8.34
CA ALA A 124 14.29 8.61 7.43
C ALA A 124 13.87 9.66 6.41
N PRO A 125 13.62 10.89 6.87
CA PRO A 125 13.21 11.97 5.97
C PRO A 125 14.14 12.14 4.78
N GLU A 126 15.44 12.15 5.06
CA GLU A 126 16.44 12.33 4.03
C GLU A 126 16.50 11.22 2.96
N ARG A 127 15.93 10.05 3.22
CA ARG A 127 15.99 8.98 2.21
C ARG A 127 14.89 9.09 1.15
N PHE A 128 13.93 9.99 1.35
CA PHE A 128 12.82 10.14 0.41
C PHE A 128 12.60 11.54 -0.12
N ASP A 129 12.23 11.62 -1.40
CA ASP A 129 12.00 12.90 -2.07
C ASP A 129 10.53 13.31 -2.14
N LYS A 130 9.81 12.86 -3.17
CA LYS A 130 8.39 13.18 -3.32
C LYS A 130 7.50 12.02 -2.85
N VAL A 131 6.40 12.36 -2.16
CA VAL A 131 5.47 11.37 -1.65
C VAL A 131 4.08 11.46 -2.27
N ALA A 132 3.41 10.32 -2.36
CA ALA A 132 2.04 10.25 -2.88
C ALA A 132 1.30 9.15 -2.10
N LEU A 133 0.11 9.46 -1.62
CA LEU A 133 -0.69 8.50 -0.86
C LEU A 133 -2.08 8.41 -1.45
N MET A 134 -2.67 7.22 -1.39
CA MET A 134 -4.01 7.02 -1.90
C MET A 134 -4.78 6.22 -0.88
N GLY A 135 -5.96 6.72 -0.49
CA GLY A 135 -6.79 6.03 0.50
C GLY A 135 -5.95 5.57 1.67
N SER A 136 -5.00 6.41 2.07
CA SER A 136 -4.09 6.09 3.17
C SER A 136 -4.78 5.96 4.52
N VAL A 137 -4.12 5.27 5.47
CA VAL A 137 -4.70 5.11 6.81
C VAL A 137 -3.88 5.58 8.01
N GLY A 138 -2.80 6.32 7.79
CA GLY A 138 -2.08 6.78 8.98
C GLY A 138 -2.81 7.90 9.72
N ALA A 139 -4.14 7.94 9.63
CA ALA A 139 -4.90 9.01 10.27
C ALA A 139 -6.11 8.51 11.02
N PRO A 140 -6.69 9.36 11.89
CA PRO A 140 -7.86 8.97 12.67
C PRO A 140 -9.04 8.76 11.77
N MET A 141 -9.84 7.76 12.10
CA MET A 141 -11.01 7.47 11.32
C MET A 141 -12.22 7.90 12.15
N ASN A 142 -13.17 8.58 11.51
CA ASN A 142 -14.36 9.02 12.21
C ASN A 142 -15.13 7.80 12.72
N ALA A 143 -15.54 6.94 11.79
CA ALA A 143 -16.26 5.73 12.12
C ALA A 143 -15.82 4.64 11.15
N ARG A 144 -15.53 3.46 11.66
CA ARG A 144 -15.09 2.36 10.81
C ARG A 144 -16.24 1.82 9.94
N PRO A 145 -16.14 2.01 8.61
CA PRO A 145 -17.20 1.51 7.72
C PRO A 145 -17.47 0.02 7.90
N PRO A 146 -18.71 -0.43 7.65
CA PRO A 146 -19.05 -1.84 7.79
C PRO A 146 -18.21 -2.68 6.83
N GLU A 147 -17.82 -2.08 5.72
CA GLU A 147 -17.01 -2.77 4.71
C GLU A 147 -15.65 -3.15 5.30
N LEU A 148 -15.07 -2.26 6.09
CA LEU A 148 -13.78 -2.51 6.70
C LEU A 148 -13.89 -3.52 7.84
N ALA A 149 -15.03 -3.47 8.53
CA ALA A 149 -15.25 -4.38 9.64
C ALA A 149 -15.41 -5.80 9.11
N ARG A 150 -16.16 -5.96 8.02
CA ARG A 150 -16.35 -7.30 7.46
C ARG A 150 -15.09 -7.83 6.80
N LEU A 151 -14.14 -6.95 6.51
CA LEU A 151 -12.90 -7.36 5.89
C LEU A 151 -11.97 -7.96 6.95
N LEU A 152 -11.92 -7.29 8.09
CA LEU A 152 -11.08 -7.71 9.19
C LEU A 152 -11.56 -9.01 9.81
N ALA A 153 -12.87 -9.25 9.74
CA ALA A 153 -13.44 -10.47 10.31
C ALA A 153 -13.74 -11.52 9.24
N PHE A 154 -12.99 -11.50 8.14
CA PHE A 154 -13.20 -12.43 7.05
C PHE A 154 -12.95 -13.90 7.39
N TYR A 155 -11.96 -14.18 8.22
CA TYR A 155 -11.65 -15.57 8.58
C TYR A 155 -12.67 -16.20 9.48
N ALA A 156 -13.69 -15.44 9.89
CA ALA A 156 -14.75 -15.95 10.74
C ALA A 156 -15.72 -16.72 9.86
N ASP A 157 -15.67 -16.45 8.56
CA ASP A 157 -16.52 -17.09 7.56
C ASP A 157 -15.78 -16.91 6.23
N PRO A 158 -14.68 -17.67 6.03
CA PRO A 158 -13.88 -17.57 4.81
C PRO A 158 -14.42 -18.29 3.58
N ARG A 159 -15.71 -18.10 3.29
CA ARG A 159 -16.30 -18.72 2.12
C ARG A 159 -15.97 -17.87 0.90
N LEU A 160 -16.17 -18.42 -0.29
CA LEU A 160 -15.84 -17.72 -1.54
C LEU A 160 -16.77 -16.55 -1.88
N THR A 161 -18.07 -16.73 -1.68
CA THR A 161 -19.01 -15.65 -1.99
C THR A 161 -18.69 -14.44 -1.13
N PRO A 162 -18.59 -14.61 0.21
CA PRO A 162 -18.26 -13.46 1.04
C PRO A 162 -16.98 -12.79 0.56
N TYR A 163 -16.04 -13.58 0.04
CA TYR A 163 -14.77 -13.03 -0.44
C TYR A 163 -14.97 -12.20 -1.70
N ARG A 164 -15.84 -12.67 -2.59
CA ARG A 164 -16.14 -11.94 -3.83
C ARG A 164 -16.76 -10.58 -3.51
N GLU A 165 -17.64 -10.55 -2.52
CA GLU A 165 -18.29 -9.31 -2.09
C GLU A 165 -17.21 -8.41 -1.55
N LEU A 166 -16.33 -9.00 -0.74
CA LEU A 166 -15.21 -8.29 -0.13
C LEU A 166 -14.37 -7.59 -1.19
N ILE A 167 -13.99 -8.30 -2.24
CA ILE A 167 -13.18 -7.73 -3.31
C ILE A 167 -13.95 -6.68 -4.09
N HIS A 168 -15.18 -7.00 -4.44
CA HIS A 168 -16.03 -6.07 -5.19
C HIS A 168 -16.11 -4.73 -4.49
N SER A 169 -16.08 -4.75 -3.16
CA SER A 169 -16.18 -3.52 -2.39
C SER A 169 -14.91 -2.66 -2.41
N PHE A 170 -13.88 -3.10 -3.13
CA PHE A 170 -12.62 -2.37 -3.22
C PHE A 170 -12.58 -1.43 -4.40
N VAL A 171 -13.44 -1.69 -5.38
CA VAL A 171 -13.50 -0.86 -6.57
C VAL A 171 -14.88 -0.22 -6.71
N TYR A 172 -14.94 0.82 -7.52
CA TYR A 172 -16.16 1.56 -7.76
C TYR A 172 -17.18 0.75 -8.57
N ASP A 173 -16.73 0.17 -9.67
CA ASP A 173 -17.62 -0.63 -10.51
C ASP A 173 -17.02 -2.02 -10.74
N PRO A 174 -17.42 -3.00 -9.93
CA PRO A 174 -16.90 -4.38 -10.05
C PRO A 174 -17.20 -5.04 -11.39
N GLU A 175 -18.45 -4.94 -11.81
CA GLU A 175 -18.90 -5.56 -13.06
C GLU A 175 -17.98 -5.32 -14.24
N ASN A 176 -17.45 -4.13 -14.37
CA ASN A 176 -16.60 -3.84 -15.51
C ASN A 176 -15.11 -3.81 -15.22
N PHE A 177 -14.72 -4.17 -14.00
CA PHE A 177 -13.31 -4.18 -13.65
C PHE A 177 -12.64 -5.38 -14.29
N PRO A 178 -11.62 -5.13 -15.13
CA PRO A 178 -10.87 -6.19 -15.83
C PRO A 178 -10.01 -7.04 -14.89
N GLY A 179 -10.34 -8.32 -14.82
CA GLY A 179 -9.59 -9.22 -13.97
C GLY A 179 -10.25 -9.47 -12.63
N MET A 180 -11.50 -9.04 -12.49
CA MET A 180 -12.21 -9.21 -11.23
C MET A 180 -12.27 -10.67 -10.77
N GLU A 181 -13.13 -11.46 -11.42
CA GLU A 181 -13.31 -12.88 -11.07
C GLU A 181 -11.98 -13.63 -10.95
N GLU A 182 -11.05 -13.34 -11.85
CA GLU A 182 -9.75 -13.99 -11.83
C GLU A 182 -9.00 -13.58 -10.58
N ILE A 183 -9.08 -12.28 -10.26
CA ILE A 183 -8.43 -11.77 -9.07
C ILE A 183 -9.08 -12.40 -7.83
N VAL A 184 -10.40 -12.53 -7.87
CA VAL A 184 -11.16 -13.12 -6.77
C VAL A 184 -10.75 -14.57 -6.51
N LYS A 185 -10.96 -15.42 -7.51
CA LYS A 185 -10.66 -16.84 -7.41
C LYS A 185 -9.22 -17.15 -7.03
N SER A 186 -8.27 -16.58 -7.76
CA SER A 186 -6.87 -16.84 -7.48
C SER A 186 -6.40 -16.33 -6.12
N ARG A 187 -6.86 -15.15 -5.72
CA ARG A 187 -6.46 -14.58 -4.44
C ARG A 187 -7.14 -15.29 -3.27
N PHE A 188 -8.27 -15.95 -3.56
CA PHE A 188 -9.03 -16.69 -2.57
C PHE A 188 -8.29 -17.97 -2.19
N GLU A 189 -7.58 -18.53 -3.16
CA GLU A 189 -6.78 -19.74 -2.98
C GLU A 189 -5.67 -19.43 -1.99
N VAL A 190 -4.92 -18.37 -2.30
CA VAL A 190 -3.81 -17.93 -1.46
C VAL A 190 -4.30 -17.55 -0.05
N ALA A 191 -5.32 -16.71 0.00
CA ALA A 191 -5.90 -16.25 1.26
C ALA A 191 -6.27 -17.39 2.19
N ASN A 192 -6.58 -18.55 1.62
CA ASN A 192 -6.97 -19.71 2.42
C ASN A 192 -5.82 -20.69 2.75
N ASP A 193 -4.66 -20.49 2.12
CA ASP A 193 -3.50 -21.34 2.38
C ASP A 193 -3.32 -21.44 3.89
N PRO A 194 -3.21 -22.67 4.42
CA PRO A 194 -3.04 -22.87 5.87
C PRO A 194 -1.99 -21.96 6.50
N GLU A 195 -0.87 -21.78 5.81
CA GLU A 195 0.21 -20.93 6.30
C GLU A 195 -0.10 -19.44 6.16
N VAL A 196 -0.81 -19.07 5.09
CA VAL A 196 -1.21 -17.68 4.85
C VAL A 196 -2.30 -17.28 5.84
N ARG A 197 -3.33 -18.11 5.91
CA ARG A 197 -4.44 -17.88 6.82
C ARG A 197 -3.92 -17.81 8.25
N ARG A 198 -2.76 -18.41 8.49
CA ARG A 198 -2.17 -18.39 9.81
C ARG A 198 -1.66 -16.99 10.15
N ILE A 199 -0.73 -16.47 9.36
CA ILE A 199 -0.20 -15.14 9.65
C ILE A 199 -1.28 -14.07 9.48
N GLN A 200 -2.10 -14.19 8.43
CA GLN A 200 -3.17 -13.24 8.14
C GLN A 200 -4.13 -13.08 9.32
N GLU A 201 -4.51 -14.18 9.93
CA GLU A 201 -5.43 -14.13 11.06
C GLU A 201 -4.91 -13.21 12.15
N VAL A 202 -3.69 -13.45 12.63
CA VAL A 202 -3.12 -12.63 13.69
C VAL A 202 -2.92 -11.17 13.26
N MET A 203 -2.56 -10.98 11.99
CA MET A 203 -2.33 -9.64 11.45
C MET A 203 -3.60 -8.81 11.55
N PHE A 204 -4.70 -9.40 11.08
CA PHE A 204 -6.00 -8.75 11.11
C PHE A 204 -6.46 -8.56 12.55
N GLU A 205 -6.11 -9.51 13.41
CA GLU A 205 -6.48 -9.40 14.81
C GLU A 205 -5.77 -8.21 15.42
N SER A 206 -4.51 -8.01 15.02
CA SER A 206 -3.73 -6.89 15.53
C SER A 206 -4.25 -5.58 14.94
N MET A 207 -4.63 -5.62 13.66
CA MET A 207 -5.15 -4.43 12.97
C MET A 207 -6.40 -3.96 13.67
N LYS A 208 -7.39 -4.85 13.82
CA LYS A 208 -8.63 -4.50 14.52
C LYS A 208 -8.25 -4.28 15.98
N ALA A 209 -8.76 -3.21 16.58
CA ALA A 209 -8.41 -2.90 17.96
C ALA A 209 -6.89 -2.83 18.05
N GLY A 210 -6.33 -1.69 17.65
CA GLY A 210 -4.88 -1.52 17.67
C GLY A 210 -4.37 -0.60 16.59
N MET A 211 -5.27 0.03 15.84
CA MET A 211 -4.90 0.94 14.76
C MET A 211 -4.61 2.37 15.20
N GLU A 212 -5.16 2.77 16.34
CA GLU A 212 -4.95 4.13 16.84
C GLU A 212 -3.46 4.49 16.85
N SER A 213 -2.64 3.57 17.33
CA SER A 213 -1.19 3.78 17.42
C SER A 213 -0.60 4.15 16.07
N LEU A 214 -1.35 3.84 15.01
CA LEU A 214 -0.92 4.13 13.65
C LEU A 214 -1.03 5.59 13.23
N VAL A 215 -1.74 6.39 14.04
CA VAL A 215 -1.95 7.80 13.75
C VAL A 215 -0.71 8.67 13.95
N ILE A 216 -0.31 9.35 12.88
CA ILE A 216 0.83 10.22 12.96
C ILE A 216 0.38 11.49 13.66
N PRO A 217 1.11 11.90 14.70
CA PRO A 217 0.71 13.12 15.40
C PRO A 217 0.71 14.33 14.46
N PRO A 218 -0.29 15.21 14.62
CA PRO A 218 -0.41 16.41 13.78
C PRO A 218 0.87 17.23 13.80
N ALA A 219 1.50 17.30 14.97
CA ALA A 219 2.73 18.04 15.15
C ALA A 219 3.84 17.47 14.28
N THR A 220 3.78 16.19 14.02
CA THR A 220 4.80 15.57 13.20
C THR A 220 4.51 15.82 11.71
N LEU A 221 3.25 15.63 11.31
CA LEU A 221 2.85 15.87 9.93
C LEU A 221 3.23 17.30 9.55
N GLY A 222 3.04 18.22 10.48
CA GLY A 222 3.34 19.61 10.21
C GLY A 222 4.82 19.93 10.06
N ARG A 223 5.68 18.95 10.35
CA ARG A 223 7.11 19.17 10.23
C ARG A 223 7.68 18.54 8.98
N LEU A 224 6.97 17.56 8.42
CA LEU A 224 7.46 16.90 7.23
C LEU A 224 7.71 17.91 6.12
N PRO A 225 8.93 17.91 5.57
CA PRO A 225 9.38 18.80 4.49
C PRO A 225 8.97 18.37 3.10
N HIS A 226 8.53 17.14 2.97
CA HIS A 226 8.13 16.59 1.67
C HIS A 226 6.85 17.17 1.07
N ASP A 227 6.78 17.10 -0.27
CA ASP A 227 5.61 17.57 -0.99
C ASP A 227 4.70 16.37 -1.14
N VAL A 228 3.65 16.30 -0.35
CA VAL A 228 2.72 15.18 -0.42
C VAL A 228 1.51 15.44 -1.32
N LEU A 229 1.19 14.46 -2.14
CA LEU A 229 0.07 14.52 -3.04
C LEU A 229 -0.87 13.42 -2.54
N VAL A 230 -2.02 13.83 -2.01
CA VAL A 230 -2.99 12.88 -1.45
C VAL A 230 -4.10 12.58 -2.46
N PHE A 231 -4.37 11.29 -2.66
CA PHE A 231 -5.42 10.88 -3.59
C PHE A 231 -6.43 10.09 -2.80
N HIS A 232 -7.70 10.20 -3.18
CA HIS A 232 -8.77 9.46 -2.54
C HIS A 232 -9.93 9.34 -3.53
N GLY A 233 -10.45 8.13 -3.65
CA GLY A 233 -11.55 7.91 -4.57
C GLY A 233 -12.82 8.40 -3.94
N ARG A 234 -13.64 9.09 -4.73
CA ARG A 234 -14.88 9.63 -4.21
C ARG A 234 -15.82 8.52 -3.70
N GLN A 235 -15.66 7.30 -4.25
CA GLN A 235 -16.50 6.17 -3.85
C GLN A 235 -15.76 5.08 -3.04
N ASP A 236 -14.61 5.40 -2.47
CA ASP A 236 -13.86 4.44 -1.67
C ASP A 236 -14.71 4.03 -0.46
N ARG A 237 -15.14 2.77 -0.39
CA ARG A 237 -15.97 2.29 0.74
C ARG A 237 -15.16 1.71 1.89
N ILE A 238 -13.87 1.53 1.69
CA ILE A 238 -13.04 0.94 2.72
C ILE A 238 -12.44 1.98 3.65
N VAL A 239 -11.78 2.97 3.08
CA VAL A 239 -11.20 4.02 3.89
C VAL A 239 -11.89 5.35 3.65
N PRO A 240 -12.62 5.86 4.66
CA PRO A 240 -13.34 7.13 4.59
C PRO A 240 -12.44 8.30 4.22
N LEU A 241 -13.01 9.26 3.51
CA LEU A 241 -12.28 10.45 3.10
C LEU A 241 -11.66 11.21 4.29
N ASP A 242 -12.17 10.97 5.50
CA ASP A 242 -11.67 11.64 6.69
C ASP A 242 -10.18 11.45 6.89
N THR A 243 -9.66 10.30 6.48
CA THR A 243 -8.23 10.06 6.64
C THR A 243 -7.41 11.04 5.80
N SER A 244 -7.74 11.16 4.52
CA SER A 244 -7.05 12.08 3.61
C SER A 244 -7.20 13.54 4.03
N LEU A 245 -8.39 13.89 4.52
CA LEU A 245 -8.62 15.27 4.94
C LEU A 245 -7.74 15.61 6.12
N TYR A 246 -7.60 14.66 7.05
CA TYR A 246 -6.78 14.86 8.24
C TYR A 246 -5.34 15.08 7.81
N LEU A 247 -4.88 14.24 6.91
CA LEU A 247 -3.52 14.34 6.44
C LEU A 247 -3.31 15.63 5.67
N THR A 248 -4.28 15.98 4.81
CA THR A 248 -4.19 17.20 4.02
C THR A 248 -4.24 18.44 4.91
N LYS A 249 -4.93 18.33 6.04
CA LYS A 249 -5.04 19.45 6.94
C LYS A 249 -3.76 19.77 7.69
N HIS A 250 -3.09 18.72 8.18
CA HIS A 250 -1.89 18.92 8.98
C HIS A 250 -0.51 18.90 8.33
N LEU A 251 -0.36 18.26 7.17
CA LEU A 251 0.93 18.21 6.50
C LEU A 251 1.43 19.60 6.13
N LYS A 252 2.74 19.78 6.20
CA LYS A 252 3.33 21.05 5.87
C LYS A 252 3.08 21.38 4.40
N HIS A 253 3.28 20.40 3.53
CA HIS A 253 3.06 20.58 2.09
C HIS A 253 2.20 19.45 1.57
N ALA A 254 0.95 19.76 1.27
CA ALA A 254 0.02 18.74 0.76
C ALA A 254 -1.03 19.32 -0.16
N GLU A 255 -1.54 18.47 -1.04
CA GLU A 255 -2.60 18.83 -1.95
C GLU A 255 -3.45 17.59 -2.09
N LEU A 256 -4.77 17.78 -2.09
CA LEU A 256 -5.70 16.67 -2.20
C LEU A 256 -6.45 16.66 -3.52
N VAL A 257 -6.57 15.48 -4.11
CA VAL A 257 -7.28 15.28 -5.36
C VAL A 257 -8.27 14.13 -5.09
N VAL A 258 -9.56 14.36 -5.30
CA VAL A 258 -10.58 13.34 -5.08
C VAL A 258 -11.16 12.92 -6.41
N LEU A 259 -10.81 11.73 -6.87
CA LEU A 259 -11.27 11.24 -8.16
C LEU A 259 -12.67 10.66 -8.16
N ASP A 260 -13.37 10.83 -9.27
CA ASP A 260 -14.72 10.30 -9.40
C ASP A 260 -14.66 8.92 -10.04
N ARG A 261 -15.76 8.16 -9.94
CA ARG A 261 -15.82 6.80 -10.50
C ARG A 261 -14.58 6.06 -10.02
N CYS A 262 -14.32 6.17 -8.72
CA CYS A 262 -13.13 5.59 -8.15
C CYS A 262 -13.33 5.08 -6.73
N GLY A 263 -13.01 3.81 -6.51
CA GLY A 263 -13.12 3.22 -5.19
C GLY A 263 -11.80 3.24 -4.45
N HIS A 264 -11.48 2.13 -3.77
CA HIS A 264 -10.26 2.01 -2.98
C HIS A 264 -8.97 1.79 -3.78
N TRP A 265 -9.09 1.21 -4.98
CA TRP A 265 -7.94 0.94 -5.82
C TRP A 265 -7.76 2.02 -6.86
N ALA A 266 -7.58 3.24 -6.38
CA ALA A 266 -7.42 4.37 -7.27
C ALA A 266 -6.41 4.14 -8.40
N GLN A 267 -5.23 3.66 -8.05
CA GLN A 267 -4.19 3.44 -9.06
C GLN A 267 -4.65 2.54 -10.19
N LEU A 268 -5.64 1.71 -9.95
CA LEU A 268 -6.11 0.82 -11.00
C LEU A 268 -7.39 1.35 -11.68
N GLU A 269 -8.25 2.03 -10.93
CA GLU A 269 -9.49 2.53 -11.51
C GLU A 269 -9.42 3.83 -12.28
N ARG A 270 -8.53 4.73 -11.87
CA ARG A 270 -8.41 6.00 -12.55
C ARG A 270 -6.97 6.37 -12.80
N TRP A 271 -6.22 5.41 -13.34
CA TRP A 271 -4.82 5.62 -13.66
C TRP A 271 -4.73 6.65 -14.76
N ASP A 272 -5.82 6.77 -15.51
CA ASP A 272 -5.91 7.73 -16.62
C ASP A 272 -5.69 9.15 -16.13
N ALA A 273 -6.13 9.43 -14.91
CA ALA A 273 -5.95 10.76 -14.34
C ALA A 273 -4.76 10.77 -13.39
N MET A 274 -4.62 9.72 -12.58
CA MET A 274 -3.52 9.62 -11.62
C MET A 274 -2.14 9.49 -12.26
N GLY A 275 -2.03 8.60 -13.26
CA GLY A 275 -0.75 8.41 -13.94
C GLY A 275 -0.06 9.72 -14.26
N PRO A 276 -0.70 10.58 -15.06
CA PRO A 276 -0.14 11.88 -15.45
C PRO A 276 0.21 12.76 -14.26
N MET A 277 -0.67 12.83 -13.27
CA MET A 277 -0.44 13.66 -12.10
C MET A 277 0.76 13.19 -11.31
N LEU A 278 0.90 11.88 -11.19
CA LEU A 278 2.03 11.28 -10.48
C LEU A 278 3.30 11.68 -11.20
N MET A 279 3.31 11.45 -12.51
CA MET A 279 4.47 11.79 -13.33
C MET A 279 4.93 13.23 -13.11
N GLU A 280 4.02 14.18 -13.16
CA GLU A 280 4.36 15.59 -12.98
C GLU A 280 4.85 15.89 -11.58
N HIS A 281 4.25 15.25 -10.59
CA HIS A 281 4.62 15.45 -9.20
C HIS A 281 6.05 14.95 -9.02
N PHE A 282 6.39 13.85 -9.67
CA PHE A 282 7.72 13.29 -9.57
C PHE A 282 8.71 14.02 -10.45
N ARG A 283 8.36 14.16 -11.74
CA ARG A 283 9.18 14.84 -12.74
C ARG A 283 9.76 16.16 -12.23
N ALA A 284 8.88 17.04 -11.78
CA ALA A 284 9.28 18.35 -11.26
C ALA A 284 9.77 18.22 -9.81
#